data_6GS9
#
_entry.id   6GS9
#
_cell.length_a   1.000
_cell.length_b   1.000
_cell.length_c   1.000
_cell.angle_alpha   90.00
_cell.angle_beta   90.00
_cell.angle_gamma   90.00
#
_symmetry.space_group_name_H-M   'P 1'
#
_entity_poly.entity_id   1
_entity_poly.type   'polypeptide(L)'
_entity_poly.pdbx_seq_one_letter_code
;GLFDIVKKVVGAFGSL
;
_entity_poly.pdbx_strand_id   A
#
# COMPACT_ATOMS: atom_id res chain seq x y z
N GLY A 1 -11.34 -6.43 -4.36
CA GLY A 1 -10.08 -5.79 -4.09
C GLY A 1 -9.75 -5.75 -2.61
N LEU A 2 -8.60 -6.31 -2.27
CA LEU A 2 -8.16 -6.36 -0.88
C LEU A 2 -6.70 -6.77 -0.81
N PHE A 3 -6.10 -7.01 -1.97
CA PHE A 3 -4.69 -7.43 -2.06
C PHE A 3 -3.92 -6.44 -2.93
N ASP A 4 -4.56 -5.97 -4.00
CA ASP A 4 -3.92 -5.02 -4.89
C ASP A 4 -3.90 -3.62 -4.27
N ILE A 5 -4.93 -3.32 -3.47
CA ILE A 5 -5.02 -2.03 -2.81
C ILE A 5 -4.00 -1.94 -1.68
N VAL A 6 -3.83 -3.04 -0.95
CA VAL A 6 -2.88 -3.08 0.15
C VAL A 6 -1.53 -2.49 -0.26
N LYS A 7 -1.22 -2.61 -1.55
CA LYS A 7 0.04 -2.08 -2.06
C LYS A 7 0.13 -0.57 -1.85
N LYS A 8 -0.89 0.14 -2.33
CA LYS A 8 -0.92 1.60 -2.20
C LYS A 8 -0.69 2.01 -0.74
N VAL A 9 -1.34 1.30 0.18
CA VAL A 9 -1.20 1.62 1.60
C VAL A 9 0.28 1.68 1.99
N VAL A 10 0.93 0.52 2.02
CA VAL A 10 2.35 0.47 2.38
C VAL A 10 3.18 1.29 1.40
N GLY A 11 2.58 1.64 0.27
CA GLY A 11 3.27 2.43 -0.73
C GLY A 11 3.56 3.83 -0.25
N ALA A 12 2.67 4.37 0.57
CA ALA A 12 2.86 5.71 1.12
C ALA A 12 4.22 5.85 1.76
N PHE A 13 4.47 5.05 2.79
CA PHE A 13 5.75 5.08 3.49
C PHE A 13 6.84 4.42 2.66
N GLY A 14 6.58 4.26 1.37
CA GLY A 14 7.54 3.64 0.47
C GLY A 14 8.79 4.48 0.32
N SER A 15 8.82 5.63 1.01
CA SER A 15 9.95 6.52 0.94
C SER A 15 9.88 7.56 2.07
N LEU A 16 8.89 7.41 2.94
CA LEU A 16 8.71 8.34 4.05
C LEU A 16 8.69 9.78 3.53
N GLY A 1 -8.33 -9.31 -5.10
CA GLY A 1 -7.46 -8.19 -5.41
C GLY A 1 -7.22 -7.30 -4.21
N LEU A 2 -7.79 -7.69 -3.07
CA LEU A 2 -7.63 -6.93 -1.84
C LEU A 2 -6.15 -6.66 -1.55
N PHE A 3 -5.28 -7.31 -2.31
CA PHE A 3 -3.83 -7.14 -2.13
C PHE A 3 -3.34 -5.94 -2.94
N ASP A 4 -3.94 -5.74 -4.10
CA ASP A 4 -3.57 -4.62 -4.96
C ASP A 4 -3.85 -3.29 -4.26
N ILE A 5 -4.90 -3.28 -3.45
CA ILE A 5 -5.27 -2.07 -2.72
C ILE A 5 -4.33 -1.84 -1.55
N VAL A 6 -4.21 -2.84 -0.69
CA VAL A 6 -3.34 -2.74 0.48
C VAL A 6 -1.92 -2.39 0.03
N LYS A 7 -1.64 -2.60 -1.24
CA LYS A 7 -0.31 -2.30 -1.79
C LYS A 7 -0.08 -0.80 -1.84
N LYS A 8 -1.15 -0.05 -2.13
CA LYS A 8 -1.06 1.39 -2.21
C LYS A 8 -0.84 1.99 -0.81
N VAL A 9 -1.41 1.35 0.19
CA VAL A 9 -1.25 1.83 1.57
C VAL A 9 0.21 1.77 2.00
N VAL A 10 0.80 0.59 1.94
CA VAL A 10 2.19 0.42 2.32
C VAL A 10 3.11 1.15 1.35
N GLY A 11 2.57 1.49 0.18
CA GLY A 11 3.35 2.19 -0.82
C GLY A 11 3.60 3.64 -0.44
N ALA A 12 2.80 4.14 0.48
CA ALA A 12 2.94 5.53 0.93
C ALA A 12 4.26 5.71 1.67
N PHE A 13 4.54 4.82 2.63
CA PHE A 13 5.77 4.90 3.41
C PHE A 13 6.96 4.46 2.55
N GLY A 14 6.68 3.76 1.46
CA GLY A 14 7.73 3.29 0.59
C GLY A 14 8.44 4.43 -0.11
N SER A 15 8.04 5.66 0.21
CA SER A 15 8.65 6.84 -0.39
C SER A 15 8.17 8.11 0.31
N LEU A 16 8.85 8.46 1.39
CA LEU A 16 8.48 9.66 2.15
C LEU A 16 9.57 10.00 3.16
N GLY A 1 -8.96 -6.75 -5.68
CA GLY A 1 -8.18 -7.58 -4.79
C GLY A 1 -7.69 -6.82 -3.59
N LEU A 2 -8.04 -7.31 -2.39
CA LEU A 2 -7.64 -6.65 -1.16
C LEU A 2 -6.12 -6.48 -1.10
N PHE A 3 -5.42 -7.05 -2.09
CA PHE A 3 -3.96 -6.96 -2.15
C PHE A 3 -3.56 -5.73 -2.94
N ASP A 4 -4.29 -5.47 -4.02
CA ASP A 4 -4.00 -4.31 -4.86
C ASP A 4 -4.12 -3.03 -4.05
N ILE A 5 -5.04 -3.01 -3.10
CA ILE A 5 -5.25 -1.84 -2.25
C ILE A 5 -4.12 -1.71 -1.24
N VAL A 6 -3.91 -2.77 -0.46
CA VAL A 6 -2.85 -2.77 0.54
C VAL A 6 -1.52 -2.41 -0.10
N LYS A 7 -1.35 -2.79 -1.37
CA LYS A 7 -0.12 -2.50 -2.09
C LYS A 7 0.16 -1.00 -2.10
N LYS A 8 -0.89 -0.22 -2.36
CA LYS A 8 -0.75 1.23 -2.39
C LYS A 8 -0.51 1.79 -1.00
N VAL A 9 -1.17 1.18 -0.01
CA VAL A 9 -1.02 1.62 1.38
C VAL A 9 0.45 1.62 1.80
N VAL A 10 1.05 0.44 1.85
CA VAL A 10 2.44 0.32 2.24
C VAL A 10 3.33 1.22 1.40
N GLY A 11 2.99 1.34 0.12
CA GLY A 11 3.76 2.18 -0.78
C GLY A 11 3.78 3.64 -0.34
N ALA A 12 2.62 4.12 0.10
CA ALA A 12 2.51 5.51 0.55
C ALA A 12 3.14 5.69 1.92
N PHE A 13 4.16 4.88 2.21
CA PHE A 13 4.85 4.96 3.50
C PHE A 13 6.18 4.22 3.44
N GLY A 14 6.49 3.65 2.28
CA GLY A 14 7.73 2.93 2.10
C GLY A 14 8.92 3.86 2.07
N SER A 15 9.26 4.43 3.22
CA SER A 15 10.39 5.34 3.31
C SER A 15 10.24 6.50 2.33
N LEU A 16 9.07 7.14 2.35
CA LEU A 16 8.81 8.25 1.46
C LEU A 16 9.88 9.33 1.62
N GLY A 1 -10.70 -8.16 -4.40
CA GLY A 1 -9.77 -7.05 -4.22
C GLY A 1 -9.43 -6.82 -2.76
N LEU A 2 -8.16 -7.03 -2.43
CA LEU A 2 -7.71 -6.84 -1.05
C LEU A 2 -6.18 -6.81 -1.01
N PHE A 3 -5.57 -6.94 -2.19
CA PHE A 3 -4.10 -6.94 -2.31
C PHE A 3 -3.64 -5.69 -3.06
N ASP A 4 -4.28 -5.41 -4.18
CA ASP A 4 -3.93 -4.23 -4.96
C ASP A 4 -4.03 -2.97 -4.12
N ILE A 5 -5.00 -2.96 -3.21
CA ILE A 5 -5.21 -1.82 -2.34
C ILE A 5 -4.10 -1.74 -1.28
N VAL A 6 -3.92 -2.83 -0.53
CA VAL A 6 -2.90 -2.87 0.50
C VAL A 6 -1.55 -2.45 -0.06
N LYS A 7 -1.26 -2.87 -1.30
CA LYS A 7 0.00 -2.53 -1.94
C LYS A 7 0.23 -1.02 -1.92
N LYS A 8 -0.85 -0.26 -2.11
CA LYS A 8 -0.75 1.19 -2.13
C LYS A 8 -0.52 1.73 -0.72
N VAL A 9 -1.19 1.14 0.26
CA VAL A 9 -1.05 1.57 1.64
C VAL A 9 0.42 1.61 2.04
N VAL A 10 1.07 0.46 2.02
CA VAL A 10 2.49 0.39 2.38
C VAL A 10 3.35 1.13 1.37
N GLY A 11 2.82 1.28 0.15
CA GLY A 11 3.55 1.97 -0.89
C GLY A 11 3.74 3.44 -0.59
N ALA A 12 2.71 4.06 -0.03
CA ALA A 12 2.77 5.48 0.31
C ALA A 12 3.75 5.71 1.47
N PHE A 13 3.76 4.78 2.41
CA PHE A 13 4.64 4.89 3.56
C PHE A 13 6.09 5.07 3.12
N GLY A 14 6.40 4.57 1.92
CA GLY A 14 7.75 4.68 1.39
C GLY A 14 8.06 6.08 0.91
N SER A 15 7.52 7.08 1.60
CA SER A 15 7.76 8.47 1.23
C SER A 15 7.22 9.41 2.31
N LEU A 16 6.58 8.84 3.32
CA LEU A 16 6.02 9.64 4.41
C LEU A 16 7.14 10.25 5.24
N GLY A 1 -9.46 -6.63 -5.72
CA GLY A 1 -8.04 -6.81 -5.50
C GLY A 1 -7.61 -6.30 -4.13
N LEU A 2 -8.08 -6.98 -3.08
CA LEU A 2 -7.74 -6.58 -1.72
C LEU A 2 -6.23 -6.46 -1.54
N PHE A 3 -5.47 -6.89 -2.56
CA PHE A 3 -4.01 -6.83 -2.52
C PHE A 3 -3.54 -5.50 -3.11
N ASP A 4 -4.14 -5.12 -4.23
CA ASP A 4 -3.78 -3.88 -4.90
C ASP A 4 -3.89 -2.70 -3.93
N ILE A 5 -4.93 -2.73 -3.09
CA ILE A 5 -5.14 -1.67 -2.12
C ILE A 5 -4.07 -1.71 -1.04
N VAL A 6 -3.96 -2.86 -0.37
CA VAL A 6 -2.97 -3.02 0.69
C VAL A 6 -1.57 -2.70 0.17
N LYS A 7 -1.35 -2.93 -1.11
CA LYS A 7 -0.05 -2.65 -1.72
C LYS A 7 0.19 -1.14 -1.79
N LYS A 8 -0.88 -0.40 -2.03
CA LYS A 8 -0.78 1.05 -2.12
C LYS A 8 -0.48 1.66 -0.75
N VAL A 9 -1.15 1.15 0.28
CA VAL A 9 -0.94 1.64 1.63
C VAL A 9 0.54 1.59 2.00
N VAL A 10 1.12 0.41 1.92
CA VAL A 10 2.53 0.24 2.25
C VAL A 10 3.41 0.98 1.25
N GLY A 11 2.88 1.21 0.05
CA GLY A 11 3.62 1.90 -0.99
C GLY A 11 3.77 3.38 -0.68
N ALA A 12 2.69 4.00 -0.23
CA ALA A 12 2.72 5.42 0.09
C ALA A 12 3.57 5.67 1.33
N PHE A 13 4.25 4.64 1.81
CA PHE A 13 5.09 4.76 3.00
C PHE A 13 4.31 5.41 4.14
N GLY A 14 3.00 5.33 4.07
CA GLY A 14 2.16 5.91 5.11
C GLY A 14 2.50 7.37 5.37
N SER A 15 2.79 8.08 4.28
CA SER A 15 3.14 9.50 4.38
C SER A 15 4.50 9.69 5.05
N LEU A 16 5.04 8.60 5.61
CA LEU A 16 6.33 8.68 6.27
C LEU A 16 7.45 8.77 5.23
N GLY A 1 -10.60 -8.81 -4.27
CA GLY A 1 -9.46 -7.91 -4.27
C GLY A 1 -9.24 -7.30 -2.90
N LEU A 2 -8.01 -7.42 -2.41
CA LEU A 2 -7.65 -6.87 -1.11
C LEU A 2 -6.14 -6.76 -0.99
N PHE A 3 -5.44 -7.14 -2.07
CA PHE A 3 -3.97 -7.09 -2.10
C PHE A 3 -3.50 -5.87 -2.89
N ASP A 4 -4.18 -5.60 -4.01
CA ASP A 4 -3.83 -4.46 -4.84
C ASP A 4 -4.00 -3.15 -4.08
N ILE A 5 -4.99 -3.14 -3.18
CA ILE A 5 -5.26 -1.94 -2.38
C ILE A 5 -4.21 -1.80 -1.28
N VAL A 6 -4.00 -2.86 -0.53
CA VAL A 6 -3.01 -2.83 0.55
C VAL A 6 -1.65 -2.40 0.01
N LYS A 7 -1.36 -2.78 -1.23
CA LYS A 7 -0.09 -2.43 -1.85
C LYS A 7 0.03 -0.91 -2.00
N LYS A 8 -1.10 -0.25 -2.21
CA LYS A 8 -1.11 1.20 -2.37
C LYS A 8 -0.84 1.89 -1.03
N VAL A 9 -1.22 1.24 0.05
CA VAL A 9 -1.02 1.80 1.39
C VAL A 9 0.45 1.76 1.76
N VAL A 10 1.06 0.58 1.61
CA VAL A 10 2.48 0.42 1.93
C VAL A 10 3.34 1.29 1.03
N GLY A 11 2.81 1.60 -0.16
CA GLY A 11 3.53 2.43 -1.11
C GLY A 11 3.87 3.79 -0.53
N ALA A 12 2.89 4.41 0.13
CA ALA A 12 3.10 5.72 0.73
C ALA A 12 4.03 5.61 1.94
N PHE A 13 3.87 4.52 2.69
CA PHE A 13 4.70 4.31 3.88
C PHE A 13 6.18 4.41 3.52
N GLY A 14 6.49 4.23 2.24
CA GLY A 14 7.86 4.30 1.77
C GLY A 14 8.37 5.72 1.73
N SER A 15 7.82 6.58 2.58
CA SER A 15 8.23 7.98 2.63
C SER A 15 7.61 8.67 3.85
N LEU A 16 6.30 8.90 3.80
CA LEU A 16 5.61 9.55 4.90
C LEU A 16 5.45 8.59 6.08
N GLY A 1 -9.13 -7.03 -5.29
CA GLY A 1 -7.73 -6.64 -5.25
C GLY A 1 -7.27 -6.30 -3.85
N LEU A 2 -7.70 -7.11 -2.89
CA LEU A 2 -7.33 -6.91 -1.49
C LEU A 2 -5.83 -6.62 -1.36
N PHE A 3 -5.04 -7.27 -2.20
CA PHE A 3 -3.59 -7.08 -2.18
C PHE A 3 -3.22 -5.85 -3.01
N ASP A 4 -4.09 -5.52 -3.94
CA ASP A 4 -3.87 -4.36 -4.81
C ASP A 4 -4.05 -3.06 -4.03
N ILE A 5 -5.09 -3.01 -3.20
CA ILE A 5 -5.36 -1.82 -2.41
C ILE A 5 -4.34 -1.68 -1.28
N VAL A 6 -4.04 -2.78 -0.61
CA VAL A 6 -3.07 -2.76 0.49
C VAL A 6 -1.69 -2.38 -0.04
N LYS A 7 -1.50 -2.50 -1.35
CA LYS A 7 -0.22 -2.17 -1.96
C LYS A 7 -0.01 -0.66 -2.00
N LYS A 8 -1.11 0.09 -2.08
CA LYS A 8 -1.04 1.54 -2.13
C LYS A 8 -0.68 2.10 -0.76
N VAL A 9 -1.24 1.50 0.29
CA VAL A 9 -0.97 1.94 1.65
C VAL A 9 0.50 1.75 2.01
N VAL A 10 0.98 0.52 1.88
CA VAL A 10 2.37 0.22 2.19
C VAL A 10 3.31 0.96 1.23
N GLY A 11 2.92 1.00 -0.04
CA GLY A 11 3.73 1.68 -1.04
C GLY A 11 3.85 3.16 -0.77
N ALA A 12 2.90 3.69 0.01
CA ALA A 12 2.91 5.11 0.35
C ALA A 12 3.95 5.40 1.44
N PHE A 13 4.28 4.37 2.21
CA PHE A 13 5.26 4.53 3.28
C PHE A 13 4.88 5.70 4.18
N GLY A 14 3.58 5.98 4.27
CA GLY A 14 3.10 7.07 5.10
C GLY A 14 3.67 7.02 6.50
N SER A 15 4.14 5.84 6.91
CA SER A 15 4.71 5.67 8.24
C SER A 15 5.51 4.38 8.31
N LEU A 16 5.06 3.37 7.57
CA LEU A 16 5.75 2.08 7.57
C LEU A 16 7.15 2.22 6.99
N GLY A 1 -8.14 -7.63 -5.85
CA GLY A 1 -7.59 -8.38 -4.73
C GLY A 1 -7.30 -7.49 -3.54
N LEU A 2 -7.53 -8.02 -2.35
CA LEU A 2 -7.29 -7.25 -1.12
C LEU A 2 -5.82 -6.85 -1.01
N PHE A 3 -4.97 -7.48 -1.84
CA PHE A 3 -3.54 -7.16 -1.83
C PHE A 3 -3.24 -6.01 -2.78
N ASP A 4 -4.00 -5.93 -3.87
CA ASP A 4 -3.82 -4.87 -4.84
C ASP A 4 -4.09 -3.51 -4.21
N ILE A 5 -5.08 -3.46 -3.32
CA ILE A 5 -5.43 -2.22 -2.64
C ILE A 5 -4.39 -1.87 -1.58
N VAL A 6 -4.16 -2.80 -0.65
CA VAL A 6 -3.19 -2.58 0.41
C VAL A 6 -1.82 -2.21 -0.16
N LYS A 7 -1.63 -2.49 -1.45
CA LYS A 7 -0.35 -2.17 -2.09
C LYS A 7 -0.13 -0.66 -2.12
N LYS A 8 -1.22 0.08 -2.33
CA LYS A 8 -1.12 1.54 -2.38
C LYS A 8 -0.82 2.11 -1.00
N VAL A 9 -1.41 1.49 0.03
CA VAL A 9 -1.19 1.94 1.40
C VAL A 9 0.30 1.93 1.74
N VAL A 10 0.89 0.73 1.74
CA VAL A 10 2.31 0.59 2.05
C VAL A 10 3.14 1.47 1.12
N GLY A 11 2.63 1.69 -0.08
CA GLY A 11 3.34 2.52 -1.06
C GLY A 11 3.76 3.85 -0.46
N ALA A 12 2.93 4.37 0.43
CA ALA A 12 3.23 5.65 1.07
C ALA A 12 4.39 5.50 2.05
N PHE A 13 4.31 4.48 2.89
CA PHE A 13 5.37 4.23 3.88
C PHE A 13 6.58 3.60 3.21
N GLY A 14 6.41 3.18 1.96
CA GLY A 14 7.49 2.55 1.21
C GLY A 14 8.77 3.36 1.30
N SER A 15 8.62 4.68 1.36
CA SER A 15 9.78 5.57 1.45
C SER A 15 10.42 5.48 2.84
N LEU A 16 9.59 5.56 3.87
CA LEU A 16 10.09 5.49 5.23
C LEU A 16 10.57 4.08 5.54
N GLY A 1 -9.64 -6.64 -4.97
CA GLY A 1 -8.20 -6.44 -5.02
C GLY A 1 -7.62 -6.11 -3.67
N LEU A 2 -8.05 -6.86 -2.66
CA LEU A 2 -7.56 -6.65 -1.29
C LEU A 2 -6.04 -6.47 -1.29
N PHE A 3 -5.36 -7.20 -2.15
CA PHE A 3 -3.90 -7.11 -2.25
C PHE A 3 -3.52 -5.93 -3.11
N ASP A 4 -4.42 -5.57 -4.03
CA ASP A 4 -4.18 -4.45 -4.92
C ASP A 4 -4.18 -3.14 -4.15
N ILE A 5 -5.12 -3.01 -3.21
CA ILE A 5 -5.23 -1.80 -2.40
C ILE A 5 -4.11 -1.77 -1.35
N VAL A 6 -4.05 -2.81 -0.53
CA VAL A 6 -3.03 -2.87 0.52
C VAL A 6 -1.65 -2.57 -0.05
N LYS A 7 -1.46 -2.83 -1.34
CA LYS A 7 -0.17 -2.57 -1.98
C LYS A 7 0.09 -1.07 -2.04
N LYS A 8 -0.94 -0.29 -2.33
CA LYS A 8 -0.80 1.15 -2.42
C LYS A 8 -0.63 1.76 -1.03
N VAL A 9 -1.20 1.11 -0.03
CA VAL A 9 -1.10 1.59 1.34
C VAL A 9 0.35 1.67 1.78
N VAL A 10 0.98 0.50 1.92
CA VAL A 10 2.38 0.45 2.33
C VAL A 10 3.25 1.23 1.35
N GLY A 11 2.71 1.52 0.17
CA GLY A 11 3.45 2.25 -0.84
C GLY A 11 3.61 3.71 -0.46
N ALA A 12 2.77 4.18 0.45
CA ALA A 12 2.84 5.57 0.90
C ALA A 12 4.02 5.78 1.82
N PHE A 13 4.76 4.71 2.09
CA PHE A 13 5.92 4.79 2.97
C PHE A 13 5.54 5.39 4.31
N GLY A 14 4.33 5.09 4.77
CA GLY A 14 3.86 5.60 6.04
C GLY A 14 4.73 5.16 7.19
N SER A 15 5.75 4.36 6.88
CA SER A 15 6.66 3.88 7.91
C SER A 15 7.92 3.28 7.27
N LEU A 16 7.73 2.21 6.50
CA LEU A 16 8.86 1.56 5.84
C LEU A 16 9.37 2.42 4.68
N GLY A 1 -9.68 -8.68 -5.56
CA GLY A 1 -8.99 -9.09 -4.35
C GLY A 1 -8.93 -7.98 -3.32
N LEU A 2 -7.76 -7.81 -2.72
CA LEU A 2 -7.57 -6.77 -1.72
C LEU A 2 -6.07 -6.51 -1.51
N PHE A 3 -5.25 -7.23 -2.26
CA PHE A 3 -3.80 -7.08 -2.18
C PHE A 3 -3.36 -5.90 -3.03
N ASP A 4 -4.10 -5.67 -4.11
CA ASP A 4 -3.78 -4.58 -5.02
C ASP A 4 -4.04 -3.25 -4.33
N ILE A 5 -4.96 -3.24 -3.38
CA ILE A 5 -5.30 -2.03 -2.64
C ILE A 5 -4.30 -1.80 -1.50
N VAL A 6 -4.13 -2.81 -0.65
CA VAL A 6 -3.21 -2.71 0.47
C VAL A 6 -1.80 -2.36 -0.03
N LYS A 7 -1.51 -2.71 -1.27
CA LYS A 7 -0.20 -2.42 -1.84
C LYS A 7 0.02 -0.91 -1.92
N LYS A 8 -1.07 -0.17 -2.01
CA LYS A 8 -0.99 1.29 -2.08
C LYS A 8 -0.66 1.88 -0.72
N VAL A 9 -1.38 1.42 0.31
CA VAL A 9 -1.15 1.92 1.67
C VAL A 9 0.32 1.83 2.04
N VAL A 10 0.88 0.63 1.99
CA VAL A 10 2.29 0.43 2.32
C VAL A 10 3.18 1.13 1.31
N GLY A 11 2.62 1.45 0.15
CA GLY A 11 3.37 2.13 -0.89
C GLY A 11 3.65 3.58 -0.55
N ALA A 12 2.79 4.15 0.29
CA ALA A 12 2.95 5.54 0.69
C ALA A 12 4.16 5.70 1.61
N PHE A 13 4.27 4.81 2.58
CA PHE A 13 5.38 4.86 3.52
C PHE A 13 6.69 4.50 2.83
N GLY A 14 6.59 3.78 1.71
CA GLY A 14 7.76 3.39 0.96
C GLY A 14 8.39 4.56 0.23
N SER A 15 7.66 5.67 0.17
CA SER A 15 8.15 6.88 -0.50
C SER A 15 7.35 8.09 -0.07
N LEU A 16 7.68 8.62 1.11
CA LEU A 16 6.99 9.78 1.65
C LEU A 16 6.94 10.90 0.60
N GLY A 1 -9.03 -6.56 -6.02
CA GLY A 1 -8.33 -7.42 -5.08
C GLY A 1 -7.97 -6.70 -3.81
N LEU A 2 -7.61 -7.47 -2.78
CA LEU A 2 -7.23 -6.90 -1.49
C LEU A 2 -5.77 -6.48 -1.53
N PHE A 3 -5.00 -7.17 -2.36
CA PHE A 3 -3.57 -6.88 -2.50
C PHE A 3 -3.41 -5.70 -3.45
N ASP A 4 -4.43 -5.47 -4.26
CA ASP A 4 -4.41 -4.36 -5.22
C ASP A 4 -4.73 -3.05 -4.51
N ILE A 5 -4.77 -3.09 -3.19
CA ILE A 5 -5.06 -1.89 -2.38
C ILE A 5 -4.07 -1.77 -1.22
N VAL A 6 -3.97 -2.84 -0.43
CA VAL A 6 -3.05 -2.83 0.71
C VAL A 6 -1.64 -2.50 0.24
N LYS A 7 -1.38 -2.66 -1.05
CA LYS A 7 -0.07 -2.37 -1.61
C LYS A 7 0.16 -0.86 -1.64
N LYS A 8 -0.87 -0.11 -2.01
CA LYS A 8 -0.77 1.34 -2.08
C LYS A 8 -0.55 1.93 -0.69
N VAL A 9 -1.19 1.31 0.31
CA VAL A 9 -1.06 1.79 1.69
C VAL A 9 0.40 1.81 2.10
N VAL A 10 1.01 0.63 2.16
CA VAL A 10 2.42 0.52 2.54
C VAL A 10 3.32 1.14 1.48
N GLY A 11 2.84 1.14 0.24
CA GLY A 11 3.60 1.71 -0.85
C GLY A 11 3.84 3.20 -0.68
N ALA A 12 2.83 3.88 -0.16
CA ALA A 12 2.93 5.32 0.07
C ALA A 12 3.83 5.61 1.27
N PHE A 13 3.76 4.75 2.27
CA PHE A 13 4.57 4.93 3.47
C PHE A 13 6.05 4.91 3.11
N GLY A 14 6.40 4.18 2.06
CA GLY A 14 7.77 4.08 1.62
C GLY A 14 8.21 5.32 0.87
N SER A 15 7.78 6.48 1.36
CA SER A 15 8.13 7.75 0.72
C SER A 15 7.80 8.92 1.64
N LEU A 16 6.54 9.02 2.03
CA LEU A 16 6.10 10.10 2.91
C LEU A 16 6.65 9.89 4.32
N GLY A 1 -9.84 -7.70 -5.18
CA GLY A 1 -8.93 -8.46 -4.35
C GLY A 1 -8.78 -7.86 -2.97
N LEU A 2 -7.54 -7.82 -2.49
CA LEU A 2 -7.24 -7.25 -1.18
C LEU A 2 -5.75 -6.98 -1.05
N PHE A 3 -4.99 -7.31 -2.10
CA PHE A 3 -3.54 -7.09 -2.11
C PHE A 3 -3.20 -5.83 -2.91
N ASP A 4 -3.90 -5.64 -4.02
CA ASP A 4 -3.66 -4.48 -4.87
C ASP A 4 -3.96 -3.19 -4.11
N ILE A 5 -4.99 -3.22 -3.28
CA ILE A 5 -5.38 -2.05 -2.50
C ILE A 5 -4.38 -1.81 -1.36
N VAL A 6 -4.07 -2.87 -0.62
CA VAL A 6 -3.14 -2.76 0.49
C VAL A 6 -1.76 -2.34 -0.01
N LYS A 7 -1.47 -2.66 -1.27
CA LYS A 7 -0.18 -2.30 -1.86
C LYS A 7 -0.03 -0.79 -1.92
N LYS A 8 -1.13 -0.10 -2.21
CA LYS A 8 -1.11 1.36 -2.29
C LYS A 8 -0.82 1.96 -0.92
N VAL A 9 -1.52 1.46 0.11
CA VAL A 9 -1.34 1.96 1.46
C VAL A 9 0.14 1.92 1.84
N VAL A 10 0.73 0.73 1.83
CA VAL A 10 2.13 0.57 2.17
C VAL A 10 3.02 1.38 1.22
N GLY A 11 2.58 1.49 -0.03
CA GLY A 11 3.33 2.24 -1.02
C GLY A 11 3.68 3.64 -0.55
N ALA A 12 2.83 4.18 0.32
CA ALA A 12 3.06 5.52 0.85
C ALA A 12 4.27 5.53 1.77
N PHE A 13 4.32 4.57 2.68
CA PHE A 13 5.44 4.47 3.62
C PHE A 13 6.66 3.86 2.96
N GLY A 14 6.58 3.68 1.64
CA GLY A 14 7.70 3.11 0.89
C GLY A 14 8.89 4.04 0.86
N SER A 15 8.78 5.17 1.55
CA SER A 15 9.87 6.13 1.59
C SER A 15 9.66 7.14 2.71
N LEU A 16 10.18 6.83 3.89
CA LEU A 16 10.03 7.73 5.03
C LEU A 16 10.90 7.24 6.20
N GLY A 1 -8.36 -9.24 -4.94
CA GLY A 1 -7.95 -7.93 -5.40
C GLY A 1 -7.59 -7.01 -4.25
N LEU A 2 -8.04 -7.38 -3.05
CA LEU A 2 -7.74 -6.57 -1.86
C LEU A 2 -6.24 -6.43 -1.65
N PHE A 3 -5.46 -7.09 -2.49
CA PHE A 3 -4.00 -7.03 -2.39
C PHE A 3 -3.47 -5.80 -3.14
N ASP A 4 -4.21 -5.38 -4.16
CA ASP A 4 -3.81 -4.23 -4.95
C ASP A 4 -3.92 -2.95 -4.12
N ILE A 5 -4.94 -2.91 -3.26
CA ILE A 5 -5.14 -1.74 -2.41
C ILE A 5 -4.12 -1.73 -1.27
N VAL A 6 -4.06 -2.82 -0.52
CA VAL A 6 -3.12 -2.92 0.59
C VAL A 6 -1.71 -2.59 0.12
N LYS A 7 -1.46 -2.75 -1.17
CA LYS A 7 -0.15 -2.47 -1.74
C LYS A 7 0.10 -0.96 -1.78
N LYS A 8 -0.95 -0.20 -2.09
CA LYS A 8 -0.84 1.25 -2.16
C LYS A 8 -0.62 1.84 -0.76
N VAL A 9 -1.18 1.18 0.25
CA VAL A 9 -1.05 1.66 1.63
C VAL A 9 0.41 1.62 2.06
N VAL A 10 1.01 0.44 2.02
CA VAL A 10 2.41 0.29 2.42
C VAL A 10 3.32 1.06 1.47
N GLY A 11 2.89 1.21 0.22
CA GLY A 11 3.67 1.92 -0.76
C GLY A 11 3.80 3.40 -0.43
N ALA A 12 2.68 4.01 -0.03
CA ALA A 12 2.68 5.43 0.32
C ALA A 12 3.77 5.71 1.36
N PHE A 13 3.88 4.85 2.36
CA PHE A 13 4.88 5.02 3.39
C PHE A 13 6.28 5.05 2.79
N GLY A 14 6.74 3.88 2.40
CA GLY A 14 8.05 3.74 1.80
C GLY A 14 9.15 3.83 2.84
N SER A 15 9.34 5.01 3.41
CA SER A 15 10.38 5.21 4.41
C SER A 15 10.19 6.55 5.12
N LEU A 16 9.24 7.35 4.65
CA LEU A 16 8.98 8.65 5.26
C LEU A 16 8.34 8.47 6.63
N GLY A 1 -10.39 -8.16 -4.56
CA GLY A 1 -9.48 -7.06 -4.31
C GLY A 1 -9.19 -6.90 -2.82
N LEU A 2 -7.92 -7.10 -2.47
CA LEU A 2 -7.51 -6.97 -1.08
C LEU A 2 -5.99 -6.89 -0.99
N PHE A 3 -5.34 -6.95 -2.15
CA PHE A 3 -3.88 -6.87 -2.23
C PHE A 3 -3.45 -5.60 -2.97
N ASP A 4 -4.12 -5.33 -4.08
CA ASP A 4 -3.80 -4.13 -4.87
C ASP A 4 -4.00 -2.89 -4.01
N ILE A 5 -5.00 -2.93 -3.13
CA ILE A 5 -5.28 -1.81 -2.26
C ILE A 5 -4.20 -1.68 -1.19
N VAL A 6 -3.95 -2.77 -0.48
CA VAL A 6 -2.93 -2.76 0.57
C VAL A 6 -1.59 -2.35 -0.01
N LYS A 7 -1.35 -2.73 -1.27
CA LYS A 7 -0.10 -2.39 -1.93
C LYS A 7 0.10 -0.88 -1.96
N LYS A 8 -0.99 -0.14 -2.12
CA LYS A 8 -0.92 1.31 -2.17
C LYS A 8 -0.58 1.88 -0.79
N VAL A 9 -1.09 1.22 0.25
CA VAL A 9 -0.83 1.66 1.62
C VAL A 9 0.66 1.58 1.95
N VAL A 10 1.19 0.36 1.90
CA VAL A 10 2.60 0.15 2.20
C VAL A 10 3.48 0.98 1.26
N GLY A 11 3.03 1.11 0.02
CA GLY A 11 3.78 1.88 -0.97
C GLY A 11 3.85 3.35 -0.60
N ALA A 12 2.72 3.90 -0.18
CA ALA A 12 2.67 5.32 0.20
C ALA A 12 3.51 5.56 1.45
N PHE A 13 4.18 4.51 1.92
CA PHE A 13 5.02 4.63 3.11
C PHE A 13 4.20 5.17 4.29
N GLY A 14 2.87 5.12 4.16
CA GLY A 14 2.00 5.61 5.20
C GLY A 14 2.19 4.83 6.50
N SER A 15 2.58 3.57 6.37
CA SER A 15 2.79 2.72 7.54
C SER A 15 4.06 3.13 8.28
N LEU A 16 5.11 3.43 7.52
CA LEU A 16 6.38 3.84 8.11
C LEU A 16 6.28 5.26 8.65
N GLY A 1 -9.28 -6.88 -5.65
CA GLY A 1 -7.85 -6.63 -5.54
C GLY A 1 -7.45 -6.29 -4.12
N LEU A 2 -7.97 -7.05 -3.16
CA LEU A 2 -7.66 -6.83 -1.75
C LEU A 2 -6.16 -6.58 -1.56
N PHE A 3 -5.34 -7.29 -2.34
CA PHE A 3 -3.89 -7.14 -2.25
C PHE A 3 -3.46 -5.92 -3.06
N ASP A 4 -4.25 -5.61 -4.07
CA ASP A 4 -3.96 -4.46 -4.93
C ASP A 4 -4.09 -3.16 -4.15
N ILE A 5 -5.10 -3.10 -3.28
CA ILE A 5 -5.33 -1.91 -2.48
C ILE A 5 -4.29 -1.80 -1.36
N VAL A 6 -4.16 -2.87 -0.58
CA VAL A 6 -3.21 -2.89 0.52
C VAL A 6 -1.79 -2.61 0.01
N LYS A 7 -1.58 -2.79 -1.28
CA LYS A 7 -0.27 -2.55 -1.87
C LYS A 7 0.02 -1.06 -1.95
N LYS A 8 -1.01 -0.27 -2.24
CA LYS A 8 -0.85 1.17 -2.34
C LYS A 8 -0.60 1.79 -0.98
N VAL A 9 -1.25 1.24 0.04
CA VAL A 9 -1.09 1.75 1.40
C VAL A 9 0.38 1.72 1.81
N VAL A 10 0.94 0.52 1.88
CA VAL A 10 2.34 0.36 2.26
C VAL A 10 3.25 1.17 1.33
N GLY A 11 2.70 1.54 0.18
CA GLY A 11 3.47 2.31 -0.79
C GLY A 11 3.68 3.74 -0.34
N ALA A 12 2.75 4.25 0.46
CA ALA A 12 2.84 5.61 0.95
C ALA A 12 4.11 5.80 1.78
N PHE A 13 4.80 4.69 2.04
CA PHE A 13 6.03 4.74 2.82
C PHE A 13 5.79 5.40 4.17
N GLY A 14 4.55 5.35 4.64
CA GLY A 14 4.20 5.95 5.91
C GLY A 14 4.76 5.16 7.08
N SER A 15 6.08 5.20 7.24
CA SER A 15 6.73 4.48 8.32
C SER A 15 6.30 3.01 8.33
N LEU A 16 6.85 2.24 7.40
CA LEU A 16 6.52 0.83 7.31
C LEU A 16 6.71 0.14 8.65
N GLY A 1 -10.60 -9.37 -3.72
CA GLY A 1 -9.68 -8.28 -3.99
C GLY A 1 -9.44 -7.41 -2.77
N LEU A 2 -8.22 -7.46 -2.27
CA LEU A 2 -7.84 -6.68 -1.10
C LEU A 2 -6.33 -6.56 -0.99
N PHE A 3 -5.62 -7.20 -1.94
CA PHE A 3 -4.16 -7.16 -1.96
C PHE A 3 -3.68 -6.01 -2.83
N ASP A 4 -4.42 -5.72 -3.89
CA ASP A 4 -4.06 -4.63 -4.80
C ASP A 4 -4.15 -3.29 -4.09
N ILE A 5 -5.13 -3.16 -3.20
CA ILE A 5 -5.32 -1.91 -2.47
C ILE A 5 -4.24 -1.76 -1.39
N VAL A 6 -4.02 -2.82 -0.63
CA VAL A 6 -3.01 -2.79 0.43
C VAL A 6 -1.64 -2.51 -0.16
N LYS A 7 -1.50 -2.72 -1.47
CA LYS A 7 -0.22 -2.48 -2.13
C LYS A 7 0.07 -0.99 -2.20
N LYS A 8 -0.99 -0.19 -2.37
CA LYS A 8 -0.84 1.25 -2.45
C LYS A 8 -0.52 1.84 -1.07
N VAL A 9 -1.04 1.21 -0.04
CA VAL A 9 -0.79 1.67 1.33
C VAL A 9 0.70 1.63 1.65
N VAL A 10 1.27 0.44 1.64
CA VAL A 10 2.70 0.30 1.93
C VAL A 10 3.53 1.24 1.06
N GLY A 11 2.95 1.65 -0.06
CA GLY A 11 3.64 2.56 -0.97
C GLY A 11 3.77 3.95 -0.38
N ALA A 12 2.75 4.36 0.38
CA ALA A 12 2.76 5.68 1.00
C ALA A 12 3.78 5.74 2.13
N PHE A 13 4.54 4.66 2.28
CA PHE A 13 5.56 4.60 3.33
C PHE A 13 4.93 4.92 4.69
N GLY A 14 3.60 4.89 4.75
CA GLY A 14 2.90 5.18 5.99
C GLY A 14 3.02 4.06 6.99
N SER A 15 4.16 3.38 6.98
CA SER A 15 4.40 2.26 7.90
C SER A 15 5.87 1.88 7.91
N LEU A 16 6.72 2.80 8.34
CA LEU A 16 8.15 2.54 8.40
C LEU A 16 8.87 3.66 9.15
N GLY A 1 -9.70 -9.72 -4.08
CA GLY A 1 -9.01 -8.45 -4.19
C GLY A 1 -8.83 -7.78 -2.85
N LEU A 2 -7.58 -7.72 -2.40
CA LEU A 2 -7.26 -7.08 -1.11
C LEU A 2 -5.77 -6.79 -1.04
N PHE A 3 -5.05 -7.15 -2.10
CA PHE A 3 -3.60 -6.92 -2.16
C PHE A 3 -3.30 -5.65 -2.93
N ASP A 4 -4.08 -5.39 -3.97
CA ASP A 4 -3.89 -4.20 -4.78
C ASP A 4 -4.14 -2.95 -3.95
N ILE A 5 -5.08 -3.05 -3.02
CA ILE A 5 -5.41 -1.93 -2.14
C ILE A 5 -4.32 -1.72 -1.10
N VAL A 6 -3.94 -2.80 -0.43
CA VAL A 6 -2.91 -2.74 0.60
C VAL A 6 -1.56 -2.37 -0.02
N LYS A 7 -1.44 -2.57 -1.32
CA LYS A 7 -0.19 -2.27 -2.02
C LYS A 7 0.05 -0.76 -2.03
N LYS A 8 -1.01 0.00 -2.27
CA LYS A 8 -0.90 1.46 -2.31
C LYS A 8 -0.56 2.00 -0.92
N VAL A 9 -1.14 1.39 0.11
CA VAL A 9 -0.89 1.82 1.48
C VAL A 9 0.60 1.69 1.83
N VAL A 10 1.10 0.46 1.79
CA VAL A 10 2.51 0.22 2.08
C VAL A 10 3.40 0.98 1.12
N GLY A 11 2.90 1.18 -0.10
CA GLY A 11 3.66 1.89 -1.11
C GLY A 11 3.92 3.33 -0.72
N ALA A 12 2.90 3.98 -0.16
CA ALA A 12 3.04 5.37 0.28
C ALA A 12 3.79 5.44 1.59
N PHE A 13 4.12 4.29 2.16
CA PHE A 13 4.84 4.23 3.42
C PHE A 13 4.15 5.09 4.47
N GLY A 14 2.87 5.35 4.27
CA GLY A 14 2.10 6.16 5.19
C GLY A 14 1.72 5.38 6.44
N SER A 15 2.72 4.79 7.09
CA SER A 15 2.47 4.01 8.30
C SER A 15 3.79 3.68 8.99
N LEU A 16 4.76 3.19 8.21
CA LEU A 16 6.06 2.83 8.76
C LEU A 16 6.77 4.08 9.28
N GLY A 1 -10.55 -7.33 -4.83
CA GLY A 1 -9.38 -6.55 -4.47
C GLY A 1 -9.14 -6.55 -2.97
N LEU A 2 -7.94 -6.96 -2.58
CA LEU A 2 -7.57 -7.00 -1.17
C LEU A 2 -6.05 -7.09 -1.03
N PHE A 3 -5.36 -7.11 -2.17
CA PHE A 3 -3.90 -7.18 -2.19
C PHE A 3 -3.34 -6.00 -2.97
N ASP A 4 -4.01 -5.65 -4.07
CA ASP A 4 -3.58 -4.53 -4.89
C ASP A 4 -3.82 -3.22 -4.16
N ILE A 5 -4.85 -3.20 -3.32
CA ILE A 5 -5.19 -2.01 -2.56
C ILE A 5 -4.21 -1.85 -1.40
N VAL A 6 -3.94 -2.94 -0.70
CA VAL A 6 -3.01 -2.90 0.43
C VAL A 6 -1.65 -2.39 -0.04
N LYS A 7 -1.34 -2.61 -1.31
CA LYS A 7 -0.06 -2.17 -1.86
C LYS A 7 0.01 -0.64 -1.87
N LYS A 8 -1.14 -0.01 -2.07
CA LYS A 8 -1.19 1.45 -2.10
C LYS A 8 -0.90 2.04 -0.71
N VAL A 9 -1.49 1.42 0.31
CA VAL A 9 -1.28 1.89 1.68
C VAL A 9 0.20 1.90 2.01
N VAL A 10 0.81 0.72 2.01
CA VAL A 10 2.23 0.60 2.32
C VAL A 10 3.06 1.38 1.30
N GLY A 11 2.58 1.42 0.06
CA GLY A 11 3.27 2.13 -0.99
C GLY A 11 3.67 3.53 -0.57
N ALA A 12 2.77 4.21 0.13
CA ALA A 12 3.03 5.56 0.60
C ALA A 12 4.23 5.56 1.55
N PHE A 13 4.22 4.66 2.52
CA PHE A 13 5.30 4.55 3.48
C PHE A 13 6.46 3.75 2.89
N GLY A 14 6.47 3.62 1.58
CA GLY A 14 7.53 2.88 0.90
C GLY A 14 8.83 3.63 0.88
N SER A 15 8.98 4.59 1.78
CA SER A 15 10.20 5.39 1.85
C SER A 15 10.26 6.17 3.16
N LEU A 16 9.16 6.86 3.47
CA LEU A 16 9.09 7.66 4.69
C LEU A 16 9.00 6.74 5.92
N GLY A 1 -11.22 -7.07 -3.32
CA GLY A 1 -10.17 -6.07 -3.19
C GLY A 1 -9.70 -5.92 -1.76
N LEU A 2 -8.49 -6.41 -1.50
CA LEU A 2 -7.91 -6.34 -0.16
C LEU A 2 -6.42 -6.65 -0.22
N PHE A 3 -5.93 -6.92 -1.44
CA PHE A 3 -4.51 -7.23 -1.66
C PHE A 3 -3.91 -6.24 -2.65
N ASP A 4 -4.68 -5.88 -3.66
CA ASP A 4 -4.22 -4.94 -4.67
C ASP A 4 -4.18 -3.52 -4.10
N ILE A 5 -5.10 -3.24 -3.18
CA ILE A 5 -5.16 -1.93 -2.55
C ILE A 5 -4.02 -1.76 -1.54
N VAL A 6 -3.76 -2.83 -0.79
CA VAL A 6 -2.71 -2.80 0.21
C VAL A 6 -1.38 -2.40 -0.42
N LYS A 7 -1.28 -2.56 -1.74
CA LYS A 7 -0.07 -2.21 -2.46
C LYS A 7 0.17 -0.71 -2.39
N LYS A 8 -0.91 0.06 -2.39
CA LYS A 8 -0.81 1.51 -2.33
C LYS A 8 -0.40 1.96 -0.93
N VAL A 9 -0.94 1.28 0.08
CA VAL A 9 -0.62 1.60 1.47
C VAL A 9 0.89 1.56 1.71
N VAL A 10 1.47 0.38 1.49
CA VAL A 10 2.91 0.22 1.69
C VAL A 10 3.69 1.20 0.83
N GLY A 11 3.03 1.74 -0.19
CA GLY A 11 3.67 2.70 -1.07
C GLY A 11 3.88 4.04 -0.40
N ALA A 12 2.82 4.57 0.20
CA ALA A 12 2.90 5.85 0.90
C ALA A 12 3.63 5.69 2.23
N PHE A 13 4.19 4.50 2.45
CA PHE A 13 4.91 4.23 3.70
C PHE A 13 4.01 4.46 4.90
N GLY A 14 2.71 4.66 4.64
CA GLY A 14 1.76 4.89 5.70
C GLY A 14 1.89 6.29 6.29
N SER A 15 2.99 6.52 7.01
CA SER A 15 3.23 7.81 7.62
C SER A 15 4.67 7.93 8.10
N LEU A 16 5.42 6.83 7.96
CA LEU A 16 6.81 6.81 8.37
C LEU A 16 7.64 7.70 7.44
N GLY A 1 -10.01 -7.09 -4.25
CA GLY A 1 -9.04 -7.98 -3.62
C GLY A 1 -8.66 -7.52 -2.23
N LEU A 2 -7.36 -7.49 -1.97
CA LEU A 2 -6.87 -7.06 -0.67
C LEU A 2 -5.36 -6.81 -0.74
N PHE A 3 -4.80 -7.02 -1.93
CA PHE A 3 -3.36 -6.81 -2.16
C PHE A 3 -3.11 -5.54 -2.95
N ASP A 4 -3.79 -5.42 -4.08
CA ASP A 4 -3.64 -4.24 -4.93
C ASP A 4 -4.02 -2.98 -4.16
N ILE A 5 -4.99 -3.10 -3.26
CA ILE A 5 -5.43 -1.97 -2.45
C ILE A 5 -4.45 -1.70 -1.32
N VAL A 6 -4.03 -2.75 -0.63
CA VAL A 6 -3.09 -2.61 0.48
C VAL A 6 -1.71 -2.20 -0.04
N LYS A 7 -1.45 -2.50 -1.31
CA LYS A 7 -0.17 -2.16 -1.91
C LYS A 7 0.04 -0.64 -1.90
N LYS A 8 -1.05 0.10 -2.07
CA LYS A 8 -0.98 1.55 -2.08
C LYS A 8 -0.72 2.09 -0.67
N VAL A 9 -1.31 1.42 0.32
CA VAL A 9 -1.14 1.84 1.71
C VAL A 9 0.33 1.71 2.13
N VAL A 10 0.86 0.50 2.04
CA VAL A 10 2.25 0.25 2.41
C VAL A 10 3.20 0.91 1.42
N GLY A 11 2.78 0.96 0.15
CA GLY A 11 3.60 1.56 -0.88
C GLY A 11 3.75 3.05 -0.67
N ALA A 12 2.75 3.67 -0.07
CA ALA A 12 2.77 5.11 0.18
C ALA A 12 3.73 5.43 1.34
N PHE A 13 3.85 4.49 2.26
CA PHE A 13 4.73 4.68 3.42
C PHE A 13 6.19 4.70 2.98
N GLY A 14 6.48 4.02 1.88
CA GLY A 14 7.84 3.97 1.36
C GLY A 14 8.40 5.35 1.10
N SER A 15 7.52 6.26 0.69
CA SER A 15 7.94 7.62 0.40
C SER A 15 8.24 8.38 1.69
N LEU A 16 7.41 8.17 2.69
CA LEU A 16 7.58 8.84 3.98
C LEU A 16 8.82 8.27 4.70
#